data_6CF7
#
_entry.id   6CF7
#
_cell.length_a   161.445
_cell.length_b   161.445
_cell.length_c   161.445
_cell.angle_alpha   90.00
_cell.angle_beta   90.00
_cell.angle_gamma   90.00
#
_symmetry.space_group_name_H-M   'P 41 3 2'
#
loop_
_entity.id
_entity.type
_entity.pdbx_description
1 polymer Hemagglutinin
2 polymer Hemagglutinin
3 branched alpha-D-mannopyranose-(1-3)-beta-D-mannopyranose-(1-4)-2-acetamido-2-deoxy-beta-D-glucopyranose-(1-4)-2-acetamido-2-deoxy-beta-D-glucopyranose
4 branched beta-D-mannopyranose-(1-4)-2-acetamido-2-deoxy-beta-D-glucopyranose-(1-4)-2-acetamido-2-deoxy-beta-D-glucopyranose
5 branched 2-acetamido-2-deoxy-beta-D-glucopyranose-(1-4)-2-acetamido-2-deoxy-beta-D-glucopyranose
6 non-polymer 2-acetamido-2-deoxy-beta-D-glucopyranose
7 non-polymer N-[2-(2-{4-[(R)-(2-methyl-2H-tetrazol-5-yl)(phenyl)methyl]piperazine-1-carbonyl}pyridin-4-yl)-1,3-benzoxazol-5-yl]acetamide
8 water water
#
loop_
_entity_poly.entity_id
_entity_poly.type
_entity_poly.pdbx_seq_one_letter_code
_entity_poly.pdbx_strand_id
1 'polypeptide(L)'
;DTICIGYHANNSTDTVDTVLEKNVTVTHSVNLLEDSHNGKLCRLKGIAPLQLGNCSVAGWILGNPECELLISRESWSYIV
EKPNPENGTCYPGHFADYEELREQLSSVSSFERFEIFPKESSWPNHTTTGVSASCSHNGESSFYKNLLWLTGKNGLYPNL
SKSYANNKEKEVLVLWGVHHPPNIGDQRALYHKENAYVSVVSSHYSRKFTPEIAKRPKVRDQEGRINYYWTLLEPGDTII
FEANGNLIAPRYAFALSRGFGSGIINSNAPMDECDAKCQTPQGAINSSLPFQNVHPVTIGECPKYVRSAKLRMVTGLRNI
PSIQSR
;
A
2 'polypeptide(L)'
;GLFGAIAGFIEGGWTGMVDGWYGYHHQNEQGSGYAADQKSTQNAINGITNKVNSVIEKMNTQFTAVGKEFNKLERRMENL
NKKVDDGFIDIWTYNAELLVLLENERTLDFHDSNVKNLYEKVKSQLKNNAKEIGNGCFEFYHKCNDECMESVKNGTYDYP
KYSEESKLNREKID
;
B
#
# COMPACT_ATOMS: atom_id res chain seq x y z
N ASP A 1 -28.82 -18.32 51.26
CA ASP A 1 -28.55 -18.74 49.89
C ASP A 1 -28.95 -17.66 48.89
N THR A 2 -28.01 -17.28 48.04
CA THR A 2 -28.23 -16.21 47.07
C THR A 2 -27.54 -16.55 45.76
N ILE A 3 -28.09 -16.02 44.68
CA ILE A 3 -27.48 -16.09 43.36
C ILE A 3 -27.54 -14.70 42.74
N CYS A 4 -26.47 -14.32 42.04
CA CYS A 4 -26.37 -13.00 41.45
C CYS A 4 -26.04 -13.11 39.97
N ILE A 5 -26.38 -12.06 39.23
CA ILE A 5 -26.02 -11.93 37.83
C ILE A 5 -25.17 -10.68 37.69
N GLY A 6 -23.98 -10.84 37.12
CA GLY A 6 -23.07 -9.72 36.94
C GLY A 6 -22.24 -9.83 35.68
N TYR A 7 -21.20 -9.00 35.56
CA TYR A 7 -20.40 -8.98 34.35
C TYR A 7 -18.92 -8.80 34.69
N HIS A 8 -18.09 -9.08 33.68
CA HIS A 8 -16.65 -9.18 33.84
C HIS A 8 -16.00 -7.81 34.04
N ALA A 9 -14.85 -7.83 34.70
CA ALA A 9 -14.00 -6.65 34.85
C ALA A 9 -12.55 -7.12 34.92
N ASN A 10 -11.63 -6.20 34.64
CA ASN A 10 -10.22 -6.51 34.70
C ASN A 10 -9.42 -5.22 34.85
N ASN A 11 -8.10 -5.34 34.82
CA ASN A 11 -7.19 -4.21 34.95
C ASN A 11 -6.84 -3.58 33.61
N SER A 12 -7.67 -3.80 32.60
CA SER A 12 -7.39 -3.30 31.26
C SER A 12 -7.46 -1.78 31.23
N THR A 13 -6.45 -1.15 30.61
CA THR A 13 -6.45 0.29 30.38
C THR A 13 -6.86 0.63 28.95
N ASP A 14 -7.33 -0.35 28.18
CA ASP A 14 -7.79 -0.10 26.82
C ASP A 14 -8.93 0.91 26.82
N THR A 15 -8.80 1.94 26.00
CA THR A 15 -9.83 2.95 25.84
C THR A 15 -10.26 3.04 24.39
N VAL A 16 -11.55 3.25 24.18
CA VAL A 16 -12.11 3.49 22.85
C VAL A 16 -13.02 4.71 22.93
N ASP A 17 -13.34 5.25 21.77
CA ASP A 17 -14.27 6.36 21.66
C ASP A 17 -15.63 5.85 21.24
N THR A 18 -16.67 6.45 21.79
CA THR A 18 -18.05 6.13 21.44
C THR A 18 -18.77 7.41 21.02
N VAL A 19 -19.99 7.25 20.52
CA VAL A 19 -20.72 8.41 20.03
C VAL A 19 -21.22 9.25 21.21
N LEU A 20 -21.49 8.63 22.35
CA LEU A 20 -21.96 9.36 23.53
C LEU A 20 -20.87 9.74 24.50
N GLU A 21 -19.69 9.11 24.41
CA GLU A 21 -18.66 9.32 25.42
C GLU A 21 -17.30 8.98 24.82
N LYS A 22 -16.34 9.90 24.99
CA LYS A 22 -14.97 9.65 24.61
C LYS A 22 -14.20 9.00 25.76
N ASN A 23 -13.11 8.31 25.41
CA ASN A 23 -12.15 7.77 26.37
C ASN A 23 -12.83 6.80 27.34
N VAL A 24 -13.57 5.84 26.78
CA VAL A 24 -14.26 4.83 27.58
C VAL A 24 -13.29 3.67 27.80
N THR A 25 -12.98 3.40 29.07
CA THR A 25 -12.11 2.28 29.42
C THR A 25 -12.88 0.98 29.27
N VAL A 26 -12.35 0.06 28.48
CA VAL A 26 -13.04 -1.18 28.15
C VAL A 26 -12.20 -2.38 28.56
N THR A 27 -12.85 -3.54 28.63
CA THR A 27 -12.17 -4.74 29.10
C THR A 27 -11.35 -5.40 28.01
N HIS A 28 -11.87 -5.44 26.79
CA HIS A 28 -11.19 -6.05 25.66
C HIS A 28 -11.41 -5.21 24.41
N SER A 29 -10.39 -5.13 23.56
CA SER A 29 -10.49 -4.35 22.34
C SER A 29 -9.48 -4.89 21.33
N VAL A 30 -9.70 -4.52 20.07
CA VAL A 30 -8.81 -4.90 18.97
C VAL A 30 -8.46 -3.66 18.18
N ASN A 31 -7.16 -3.45 17.96
CA ASN A 31 -6.70 -2.33 17.14
C ASN A 31 -6.80 -2.70 15.66
N LEU A 32 -7.42 -1.83 14.87
CA LEU A 32 -7.59 -2.08 13.44
C LEU A 32 -6.65 -1.24 12.59
N LEU A 33 -5.72 -0.52 13.20
CA LEU A 33 -4.87 0.45 12.50
C LEU A 33 -3.41 0.03 12.64
N GLU A 34 -2.80 -0.34 11.50
CA GLU A 34 -1.40 -0.70 11.47
C GLU A 34 -0.56 0.56 11.33
N ASP A 35 0.38 0.77 12.25
CA ASP A 35 1.27 1.92 12.19
C ASP A 35 2.73 1.53 12.11
N SER A 36 3.05 0.24 12.11
CA SER A 36 4.42 -0.22 12.16
C SER A 36 4.90 -0.67 10.79
N HIS A 37 6.20 -0.47 10.56
CA HIS A 37 6.87 -0.94 9.35
C HIS A 37 8.33 -1.20 9.70
N ASN A 38 9.01 -1.96 8.85
CA ASN A 38 10.38 -2.35 9.14
C ASN A 38 11.41 -1.35 8.63
N GLY A 39 10.97 -0.31 7.91
CA GLY A 39 11.90 0.71 7.45
C GLY A 39 12.89 0.23 6.43
N LYS A 40 12.56 -0.83 5.70
CA LYS A 40 13.48 -1.42 4.74
C LYS A 40 12.73 -1.75 3.44
N LEU A 41 13.47 -1.75 2.34
CA LEU A 41 12.94 -2.20 1.06
C LEU A 41 13.13 -3.71 0.96
N CYS A 42 12.04 -4.44 0.81
CA CYS A 42 12.04 -5.89 0.85
C CYS A 42 11.59 -6.47 -0.49
N ARG A 43 11.75 -7.78 -0.61
CA ARG A 43 11.24 -8.49 -1.77
C ARG A 43 9.72 -8.59 -1.69
N LEU A 44 9.08 -8.59 -2.86
CA LEU A 44 7.63 -8.73 -2.96
C LEU A 44 7.34 -10.16 -3.42
N LYS A 45 6.90 -11.00 -2.48
CA LYS A 45 6.60 -12.40 -2.74
C LYS A 45 7.82 -13.12 -3.32
N GLY A 46 8.98 -12.85 -2.73
CA GLY A 46 10.22 -13.47 -3.13
C GLY A 46 10.99 -12.71 -4.21
N ILE A 47 10.30 -11.95 -5.05
CA ILE A 47 10.95 -11.26 -6.16
C ILE A 47 11.52 -9.94 -5.67
N ALA A 48 12.80 -9.71 -5.94
CA ALA A 48 13.51 -8.53 -5.49
C ALA A 48 13.19 -7.33 -6.38
N PRO A 49 13.35 -6.11 -5.85
CA PRO A 49 13.09 -4.93 -6.67
C PRO A 49 14.30 -4.47 -7.47
N LEU A 50 14.17 -3.34 -8.14
CA LEU A 50 15.24 -2.76 -8.95
C LEU A 50 15.67 -1.44 -8.30
N GLN A 51 16.78 -1.47 -7.57
CA GLN A 51 17.34 -0.26 -6.98
C GLN A 51 18.18 0.46 -8.03
N LEU A 52 17.82 1.73 -8.30
CA LEU A 52 18.52 2.50 -9.31
C LEU A 52 19.79 3.16 -8.79
N GLY A 53 19.96 3.24 -7.48
CA GLY A 53 21.13 3.91 -6.93
C GLY A 53 21.08 5.40 -7.23
N ASN A 54 22.24 5.94 -7.63
CA ASN A 54 22.34 7.35 -8.00
C ASN A 54 21.86 7.63 -9.41
N CYS A 55 21.16 6.68 -10.04
CA CYS A 55 20.72 6.79 -11.43
C CYS A 55 19.23 7.06 -11.49
N SER A 56 18.83 7.93 -12.41
CA SER A 56 17.43 8.21 -12.64
C SER A 56 16.86 7.19 -13.62
N VAL A 57 15.56 7.30 -13.89
CA VAL A 57 14.94 6.43 -14.89
C VAL A 57 15.53 6.71 -16.26
N ALA A 58 15.76 7.99 -16.57
CA ALA A 58 16.38 8.35 -17.85
C ALA A 58 17.81 7.82 -17.92
N GLY A 59 18.58 7.98 -16.85
CA GLY A 59 19.93 7.46 -16.85
C GLY A 59 19.99 5.94 -16.93
N TRP A 60 19.05 5.28 -16.26
CA TRP A 60 19.00 3.82 -16.31
C TRP A 60 18.63 3.31 -17.69
N ILE A 61 17.65 3.95 -18.34
CA ILE A 61 17.14 3.44 -19.60
C ILE A 61 17.98 3.89 -20.79
N LEU A 62 18.76 4.97 -20.66
CA LEU A 62 19.63 5.44 -21.73
C LEU A 62 21.01 4.81 -21.70
N GLY A 63 21.37 4.12 -20.62
CA GLY A 63 22.69 3.52 -20.53
C GLY A 63 23.74 4.51 -20.08
N ASN A 64 23.48 5.22 -18.99
CA ASN A 64 24.47 6.11 -18.44
C ASN A 64 25.68 5.32 -17.97
N PRO A 65 26.90 5.81 -18.24
CA PRO A 65 28.10 5.02 -17.90
C PRO A 65 28.23 4.68 -16.43
N GLU A 66 27.75 5.54 -15.53
CA GLU A 66 27.79 5.25 -14.10
C GLU A 66 26.66 4.33 -13.64
N CYS A 67 25.91 3.74 -14.58
CA CYS A 67 24.79 2.87 -14.23
C CYS A 67 24.96 1.46 -14.80
N GLU A 68 26.19 1.07 -15.14
CA GLU A 68 26.44 -0.26 -15.69
C GLU A 68 26.01 -1.37 -14.75
N LEU A 69 25.94 -1.10 -13.44
CA LEU A 69 25.50 -2.11 -12.49
C LEU A 69 24.05 -2.49 -12.69
N LEU A 70 23.27 -1.67 -13.38
CA LEU A 70 21.85 -1.88 -13.55
C LEU A 70 21.50 -2.64 -14.83
N ILE A 71 22.50 -2.94 -15.67
CA ILE A 71 22.21 -3.61 -16.94
C ILE A 71 21.85 -5.07 -16.71
N SER A 72 22.45 -5.72 -15.71
CA SER A 72 22.22 -7.14 -15.49
C SER A 72 20.83 -7.44 -14.93
N ARG A 73 20.13 -6.43 -14.43
CA ARG A 73 18.79 -6.63 -13.87
C ARG A 73 17.77 -6.59 -15.00
N GLU A 74 17.04 -7.71 -15.18
CA GLU A 74 16.00 -7.77 -16.19
C GLU A 74 14.68 -8.30 -15.65
N SER A 75 14.53 -8.40 -14.33
CA SER A 75 13.25 -8.77 -13.73
C SER A 75 13.20 -8.23 -12.31
N TRP A 76 12.04 -7.71 -11.93
CA TRP A 76 11.89 -7.10 -10.61
C TRP A 76 10.42 -7.02 -10.25
N SER A 77 10.16 -6.87 -8.95
CA SER A 77 8.80 -6.69 -8.47
C SER A 77 8.36 -5.23 -8.47
N TYR A 78 9.30 -4.30 -8.34
CA TYR A 78 9.00 -2.87 -8.42
C TYR A 78 10.33 -2.13 -8.56
N ILE A 79 10.24 -0.82 -8.76
CA ILE A 79 11.40 0.01 -9.07
C ILE A 79 11.53 1.08 -8.00
N VAL A 80 12.74 1.23 -7.46
CA VAL A 80 13.06 2.25 -6.48
C VAL A 80 14.02 3.24 -7.12
N GLU A 81 13.63 4.51 -7.12
CA GLU A 81 14.47 5.61 -7.57
C GLU A 81 14.68 6.56 -6.41
N LYS A 82 15.92 7.03 -6.23
CA LYS A 82 16.19 7.98 -5.17
C LYS A 82 15.40 9.27 -5.42
N PRO A 83 15.01 9.97 -4.34
CA PRO A 83 14.12 11.14 -4.51
C PRO A 83 14.58 12.13 -5.56
N ASN A 84 15.86 12.48 -5.56
CA ASN A 84 16.44 13.29 -6.63
C ASN A 84 17.72 12.60 -7.08
N PRO A 85 17.68 11.90 -8.22
CA PRO A 85 18.87 11.16 -8.65
C PRO A 85 19.96 12.08 -9.15
N GLU A 86 21.17 11.54 -9.23
CA GLU A 86 22.35 12.30 -9.60
C GLU A 86 22.72 12.14 -11.07
N ASN A 87 22.72 10.91 -11.57
CA ASN A 87 23.21 10.59 -12.91
C ASN A 87 22.02 10.31 -13.82
N GLY A 88 21.57 11.35 -14.53
CA GLY A 88 20.50 11.22 -15.50
C GLY A 88 20.96 11.43 -16.92
N THR A 89 20.50 12.50 -17.55
CA THR A 89 20.95 12.86 -18.90
C THR A 89 22.28 13.60 -18.77
N CYS A 90 23.37 12.87 -18.96
CA CYS A 90 24.70 13.46 -18.76
C CYS A 90 25.00 14.50 -19.83
N TYR A 91 24.56 14.27 -21.07
CA TYR A 91 24.62 15.31 -22.10
C TYR A 91 23.31 16.06 -22.10
N PRO A 92 23.31 17.39 -21.90
CA PRO A 92 22.05 18.11 -21.66
C PRO A 92 21.12 18.04 -22.86
N GLY A 93 19.84 18.22 -22.56
CA GLY A 93 18.81 18.18 -23.58
C GLY A 93 17.46 17.98 -22.94
N HIS A 94 16.45 17.91 -23.80
CA HIS A 94 15.07 17.68 -23.37
C HIS A 94 14.67 16.24 -23.69
N PHE A 95 14.17 15.55 -22.68
CA PHE A 95 13.65 14.19 -22.83
C PHE A 95 12.16 14.30 -23.12
N ALA A 96 11.76 13.99 -24.34
CA ALA A 96 10.37 14.15 -24.74
C ALA A 96 9.49 13.10 -24.06
N ASP A 97 8.41 13.56 -23.43
CA ASP A 97 7.42 12.69 -22.80
C ASP A 97 8.08 11.76 -21.79
N TYR A 98 8.94 12.34 -20.95
CA TYR A 98 9.66 11.57 -19.94
C TYR A 98 8.71 10.92 -18.95
N GLU A 99 7.73 11.68 -18.47
CA GLU A 99 6.79 11.16 -17.49
C GLU A 99 5.93 10.04 -18.06
N GLU A 100 5.54 10.15 -19.33
CA GLU A 100 4.79 9.07 -19.96
C GLU A 100 5.61 7.81 -20.07
N LEU A 101 6.92 7.95 -20.34
CA LEU A 101 7.79 6.77 -20.38
C LEU A 101 7.93 6.15 -19.00
N ARG A 102 8.02 6.99 -17.96
CA ARG A 102 8.00 6.48 -16.59
C ARG A 102 6.74 5.68 -16.33
N GLU A 103 5.58 6.22 -16.74
CA GLU A 103 4.32 5.52 -16.52
C GLU A 103 4.28 4.20 -17.27
N GLN A 104 4.83 4.17 -18.49
CA GLN A 104 4.91 2.93 -19.25
C GLN A 104 5.76 1.90 -18.54
N LEU A 105 6.93 2.31 -18.06
CA LEU A 105 7.82 1.39 -17.35
C LEU A 105 7.26 0.97 -16.00
N SER A 106 6.29 1.71 -15.46
CA SER A 106 5.69 1.32 -14.18
C SER A 106 4.92 0.02 -14.26
N SER A 107 4.50 -0.40 -15.46
CA SER A 107 3.74 -1.62 -15.65
C SER A 107 4.56 -2.70 -16.37
N VAL A 108 5.88 -2.66 -16.21
CA VAL A 108 6.78 -3.62 -16.85
C VAL A 108 7.33 -4.54 -15.77
N SER A 109 7.22 -5.85 -16.01
CA SER A 109 7.72 -6.85 -15.07
C SER A 109 9.09 -7.37 -15.44
N SER A 110 9.48 -7.29 -16.70
CA SER A 110 10.78 -7.76 -17.17
C SER A 110 10.95 -7.30 -18.61
N PHE A 111 12.20 -7.27 -19.06
CA PHE A 111 12.45 -7.03 -20.47
C PHE A 111 13.72 -7.73 -20.92
N GLU A 112 13.91 -7.77 -22.24
CA GLU A 112 15.05 -8.38 -22.87
C GLU A 112 15.87 -7.28 -23.54
N ARG A 113 17.11 -7.12 -23.11
CA ARG A 113 18.00 -6.12 -23.71
C ARG A 113 18.79 -6.75 -24.84
N PHE A 114 18.75 -6.12 -26.00
CA PHE A 114 19.46 -6.60 -27.18
C PHE A 114 19.87 -5.41 -28.03
N GLU A 115 21.04 -5.51 -28.66
CA GLU A 115 21.52 -4.43 -29.50
C GLU A 115 20.81 -4.51 -30.85
N ILE A 116 19.93 -3.54 -31.10
CA ILE A 116 19.13 -3.56 -32.32
C ILE A 116 19.97 -3.17 -33.53
N PHE A 117 20.91 -2.24 -33.33
CA PHE A 117 21.83 -1.79 -34.38
C PHE A 117 23.24 -1.91 -33.81
N PRO A 118 23.82 -3.09 -33.97
CA PRO A 118 25.13 -3.46 -33.48
C PRO A 118 26.06 -2.40 -33.95
N LYS A 119 26.98 -1.99 -33.09
CA LYS A 119 27.90 -0.91 -33.37
C LYS A 119 28.99 -1.18 -34.39
N GLU A 120 29.20 -2.44 -34.71
CA GLU A 120 30.22 -2.76 -35.65
C GLU A 120 29.65 -3.74 -36.65
N SER A 121 28.70 -3.27 -37.46
CA SER A 121 28.00 -4.00 -38.54
C SER A 121 26.92 -3.15 -39.17
N SER A 122 26.72 -1.93 -38.71
CA SER A 122 25.60 -1.19 -39.24
C SER A 122 25.89 0.04 -40.05
N TRP A 123 26.90 0.76 -39.64
CA TRP A 123 27.26 2.01 -40.30
C TRP A 123 28.70 1.89 -40.79
N PRO A 124 28.94 1.19 -41.89
CA PRO A 124 30.31 1.06 -42.41
C PRO A 124 30.86 2.36 -42.95
N ASN A 125 30.00 3.31 -43.32
CA ASN A 125 30.43 4.59 -43.86
C ASN A 125 30.38 5.71 -42.84
N HIS A 126 30.10 5.39 -41.57
CA HIS A 126 30.01 6.40 -40.52
C HIS A 126 30.92 6.01 -39.37
N THR A 127 31.27 7.02 -38.57
CA THR A 127 32.06 6.80 -37.36
C THR A 127 31.12 6.59 -36.18
N THR A 128 31.44 5.60 -35.35
CA THR A 128 30.61 5.22 -34.22
C THR A 128 31.37 5.34 -32.89
N THR A 129 32.31 6.28 -32.81
CA THR A 129 33.18 6.40 -31.65
C THR A 129 33.04 7.75 -30.93
N GLY A 130 32.02 8.54 -31.26
CA GLY A 130 31.85 9.83 -30.62
C GLY A 130 31.63 9.73 -29.12
N VAL A 131 32.39 10.49 -28.34
CA VAL A 131 32.26 10.53 -26.90
C VAL A 131 32.30 11.99 -26.45
N SER A 132 31.96 12.21 -25.18
CA SER A 132 31.93 13.55 -24.60
C SER A 132 32.52 13.51 -23.20
N ALA A 133 33.13 14.63 -22.81
CA ALA A 133 33.61 14.78 -21.44
C ALA A 133 32.48 15.01 -20.46
N SER A 134 31.32 15.48 -20.93
CA SER A 134 30.17 15.63 -20.07
C SER A 134 29.58 14.30 -19.64
N CYS A 135 29.82 13.24 -20.42
CA CYS A 135 29.41 11.89 -20.03
C CYS A 135 30.63 11.05 -19.73
N SER A 136 31.47 11.52 -18.80
CA SER A 136 32.75 10.87 -18.53
C SER A 136 32.56 9.63 -17.66
N HIS A 137 33.54 8.73 -17.73
CA HIS A 137 33.58 7.53 -16.93
C HIS A 137 35.03 7.18 -16.64
N ASN A 138 35.36 7.01 -15.35
CA ASN A 138 36.73 6.77 -14.91
C ASN A 138 37.65 7.91 -15.34
N GLY A 139 37.14 9.14 -15.29
CA GLY A 139 37.92 10.32 -15.62
C GLY A 139 38.05 10.63 -17.09
N GLU A 140 37.70 9.70 -17.97
CA GLU A 140 37.86 9.87 -19.41
C GLU A 140 36.50 10.05 -20.07
N SER A 141 36.50 10.74 -21.20
CA SER A 141 35.26 11.00 -21.94
C SER A 141 34.62 9.68 -22.36
N SER A 142 33.28 9.69 -22.40
CA SER A 142 32.53 8.49 -22.75
C SER A 142 31.15 8.91 -23.24
N PHE A 143 30.24 7.94 -23.35
CA PHE A 143 28.93 8.17 -23.93
C PHE A 143 27.99 7.07 -23.46
N TYR A 144 26.71 7.23 -23.79
CA TYR A 144 25.70 6.26 -23.40
C TYR A 144 25.99 4.91 -24.04
N LYS A 145 25.66 3.85 -23.30
CA LYS A 145 25.88 2.49 -23.76
C LYS A 145 24.73 1.95 -24.60
N ASN A 146 23.59 2.63 -24.61
CA ASN A 146 22.45 2.24 -25.42
C ASN A 146 22.25 3.14 -26.63
N LEU A 147 23.12 4.13 -26.82
CA LEU A 147 23.06 5.01 -27.98
C LEU A 147 24.41 5.01 -28.68
N LEU A 148 24.43 5.53 -29.90
CA LEU A 148 25.62 5.53 -30.73
C LEU A 148 25.71 6.89 -31.42
N TRP A 149 26.72 7.68 -31.06
CA TRP A 149 26.89 9.02 -31.63
C TRP A 149 27.61 8.89 -32.97
N LEU A 150 26.85 8.92 -34.06
CA LEU A 150 27.42 8.83 -35.39
C LEU A 150 28.07 10.14 -35.78
N THR A 151 29.37 10.11 -36.04
CA THR A 151 30.10 11.30 -36.45
C THR A 151 30.72 11.08 -37.83
N GLY A 152 31.68 11.92 -38.22
CA GLY A 152 32.21 11.86 -39.58
C GLY A 152 33.20 10.73 -39.78
N LYS A 153 33.16 10.13 -40.97
CA LYS A 153 34.02 9.01 -41.35
C LYS A 153 34.68 9.32 -42.67
N ASN A 154 36.01 9.48 -42.65
CA ASN A 154 36.80 9.77 -43.85
C ASN A 154 36.33 11.04 -44.56
N GLY A 155 35.72 11.96 -43.81
CA GLY A 155 35.34 13.25 -44.34
C GLY A 155 33.99 13.31 -45.03
N LEU A 156 33.11 12.35 -44.78
CA LEU A 156 31.79 12.36 -45.39
C LEU A 156 30.78 11.74 -44.44
N TYR A 157 29.52 12.19 -44.57
CA TYR A 157 28.40 11.66 -43.78
C TYR A 157 27.32 11.25 -44.78
N PRO A 158 27.38 10.02 -45.29
CA PRO A 158 26.43 9.60 -46.32
C PRO A 158 25.01 9.53 -45.79
N ASN A 159 24.07 9.37 -46.74
CA ASN A 159 22.65 9.24 -46.41
C ASN A 159 22.39 7.83 -45.91
N LEU A 160 22.08 7.71 -44.62
CA LEU A 160 21.78 6.42 -44.01
C LEU A 160 20.28 6.22 -43.92
N SER A 161 19.85 4.98 -44.14
CA SER A 161 18.42 4.63 -44.10
C SER A 161 18.32 3.17 -43.68
N LYS A 162 18.15 2.96 -42.37
CA LYS A 162 18.00 1.63 -41.80
C LYS A 162 16.58 1.42 -41.30
N SER A 163 16.28 0.17 -40.96
CA SER A 163 14.95 -0.19 -40.49
C SER A 163 15.06 -1.46 -39.66
N TYR A 164 13.99 -1.75 -38.92
CA TYR A 164 13.95 -2.94 -38.08
C TYR A 164 12.52 -3.46 -38.00
N ALA A 165 12.38 -4.77 -38.17
CA ALA A 165 11.09 -5.45 -38.02
C ALA A 165 11.04 -6.14 -36.67
N ASN A 166 9.86 -6.13 -36.05
CA ASN A 166 9.69 -6.63 -34.69
C ASN A 166 9.63 -8.15 -34.72
N ASN A 167 10.79 -8.78 -34.54
CA ASN A 167 10.89 -10.25 -34.45
C ASN A 167 11.04 -10.69 -33.00
N LYS A 168 10.11 -10.25 -32.14
CA LYS A 168 10.19 -10.57 -30.72
C LYS A 168 8.86 -10.93 -30.08
N GLU A 169 7.73 -10.78 -30.77
CA GLU A 169 6.41 -11.14 -30.28
C GLU A 169 5.98 -10.32 -29.06
N LYS A 170 6.66 -9.20 -28.81
CA LYS A 170 6.32 -8.32 -27.69
C LYS A 170 6.57 -6.88 -28.12
N GLU A 171 6.14 -5.94 -27.27
CA GLU A 171 6.42 -4.54 -27.52
C GLU A 171 7.91 -4.26 -27.38
N VAL A 172 8.45 -3.45 -28.29
CA VAL A 172 9.87 -3.14 -28.33
C VAL A 172 10.04 -1.65 -28.11
N LEU A 173 10.71 -1.28 -27.02
CA LEU A 173 10.97 0.12 -26.72
C LEU A 173 12.23 0.58 -27.46
N VAL A 174 12.09 1.60 -28.30
CA VAL A 174 13.19 2.15 -29.07
C VAL A 174 13.45 3.57 -28.62
N LEU A 175 14.73 3.90 -28.42
CA LEU A 175 15.15 5.24 -28.02
C LEU A 175 16.20 5.75 -28.98
N TRP A 176 16.20 7.07 -29.19
CA TRP A 176 17.18 7.72 -30.04
C TRP A 176 17.30 9.17 -29.61
N GLY A 177 18.21 9.89 -30.27
CA GLY A 177 18.46 11.27 -29.94
C GLY A 177 18.67 12.11 -31.19
N VAL A 178 18.61 13.43 -30.99
CA VAL A 178 18.85 14.41 -32.05
C VAL A 178 19.80 15.46 -31.49
N HIS A 179 20.93 15.65 -32.17
CA HIS A 179 21.97 16.56 -31.70
C HIS A 179 21.72 17.97 -32.22
N HIS A 180 21.93 18.95 -31.35
CA HIS A 180 21.78 20.36 -31.68
C HIS A 180 23.05 21.10 -31.26
N PRO A 181 23.97 21.32 -32.19
CA PRO A 181 25.25 21.95 -31.83
C PRO A 181 25.07 23.42 -31.52
N PRO A 182 26.06 24.04 -30.87
CA PRO A 182 25.92 25.45 -30.48
C PRO A 182 26.09 26.42 -31.64
N ASN A 183 27.09 26.21 -32.47
CA ASN A 183 27.40 27.12 -33.58
C ASN A 183 27.48 26.32 -34.88
N ILE A 184 27.68 27.05 -35.98
CA ILE A 184 27.74 26.42 -37.29
C ILE A 184 29.07 25.72 -37.51
N GLY A 185 30.15 26.22 -36.89
CA GLY A 185 31.45 25.61 -37.08
C GLY A 185 31.50 24.18 -36.57
N ASP A 186 30.93 23.93 -35.38
CA ASP A 186 30.88 22.57 -34.87
C ASP A 186 29.88 21.72 -35.63
N GLN A 187 28.81 22.33 -36.16
CA GLN A 187 27.84 21.61 -36.97
C GLN A 187 28.50 21.04 -38.22
N ARG A 188 29.01 21.92 -39.10
CA ARG A 188 29.70 21.46 -40.29
C ARG A 188 30.92 20.62 -39.95
N ALA A 189 31.58 20.94 -38.83
CA ALA A 189 32.77 20.20 -38.44
C ALA A 189 32.45 18.77 -37.99
N LEU A 190 31.21 18.51 -37.57
CA LEU A 190 30.82 17.20 -37.09
C LEU A 190 30.05 16.38 -38.10
N TYR A 191 29.21 17.00 -38.93
CA TYR A 191 28.35 16.25 -39.83
C TYR A 191 28.52 16.60 -41.30
N HIS A 192 29.48 17.46 -41.64
CA HIS A 192 29.84 17.79 -43.03
C HIS A 192 28.66 18.36 -43.83
N LYS A 193 27.61 18.80 -43.16
CA LYS A 193 26.44 19.35 -43.84
C LYS A 193 25.96 20.57 -43.09
N GLU A 194 25.19 21.40 -43.79
CA GLU A 194 24.66 22.63 -43.23
C GLU A 194 23.17 22.55 -42.89
N ASN A 195 22.41 21.74 -43.62
CA ASN A 195 20.98 21.57 -43.40
C ASN A 195 20.68 20.07 -43.37
N ALA A 196 20.77 19.47 -42.20
CA ALA A 196 20.55 18.05 -42.02
C ALA A 196 19.11 17.78 -41.60
N TYR A 197 18.79 16.48 -41.47
CA TYR A 197 17.44 16.09 -41.09
C TYR A 197 17.50 14.70 -40.47
N VAL A 198 16.55 14.43 -39.57
CA VAL A 198 16.33 13.08 -39.05
C VAL A 198 14.86 12.74 -39.25
N SER A 199 14.58 11.51 -39.64
CA SER A 199 13.22 11.08 -39.94
C SER A 199 13.00 9.71 -39.35
N VAL A 200 12.04 9.59 -38.44
CA VAL A 200 11.68 8.31 -37.83
C VAL A 200 10.22 8.05 -38.16
N VAL A 201 9.94 6.90 -38.78
CA VAL A 201 8.57 6.58 -39.18
C VAL A 201 8.27 5.13 -38.84
N SER A 202 7.06 4.88 -38.36
CA SER A 202 6.56 3.52 -38.16
C SER A 202 5.22 3.44 -38.87
N SER A 203 4.42 2.44 -38.51
CA SER A 203 3.09 2.32 -39.10
C SER A 203 2.15 3.41 -38.59
N HIS A 204 2.31 3.83 -37.33
CA HIS A 204 1.47 4.87 -36.75
C HIS A 204 2.26 5.97 -36.06
N TYR A 205 3.59 5.83 -35.93
CA TYR A 205 4.45 6.91 -35.46
C TYR A 205 5.18 7.52 -36.65
N SER A 206 5.28 8.84 -36.67
CA SER A 206 5.91 9.55 -37.78
C SER A 206 6.35 10.92 -37.30
N ARG A 207 7.65 11.18 -37.28
CA ARG A 207 8.15 12.48 -36.89
C ARG A 207 9.45 12.78 -37.61
N LYS A 208 9.67 14.07 -37.85
CA LYS A 208 10.84 14.58 -38.56
C LYS A 208 11.48 15.69 -37.72
N PHE A 209 12.76 15.54 -37.42
CA PHE A 209 13.50 16.46 -36.57
C PHE A 209 14.49 17.26 -37.40
N THR A 210 14.55 18.56 -37.14
CA THR A 210 15.47 19.50 -37.76
C THR A 210 16.38 20.09 -36.69
N PRO A 211 17.70 20.11 -36.90
CA PRO A 211 18.60 20.67 -35.89
C PRO A 211 18.43 22.18 -35.77
N GLU A 212 18.38 22.67 -34.53
CA GLU A 212 18.27 24.09 -34.23
C GLU A 212 19.59 24.55 -33.64
N ILE A 213 20.29 25.42 -34.36
CA ILE A 213 21.60 25.91 -33.97
C ILE A 213 21.43 27.27 -33.31
N ALA A 214 21.86 27.38 -32.05
CA ALA A 214 21.76 28.62 -31.30
C ALA A 214 22.72 28.58 -30.12
N LYS A 215 23.01 29.75 -29.57
CA LYS A 215 23.89 29.86 -28.42
C LYS A 215 23.10 29.56 -27.16
N ARG A 216 23.49 28.52 -26.43
CA ARG A 216 22.74 28.07 -25.27
C ARG A 216 23.63 28.09 -24.03
N PRO A 217 23.03 28.23 -22.84
CA PRO A 217 23.83 28.25 -21.61
C PRO A 217 24.56 26.93 -21.40
N LYS A 218 25.69 27.02 -20.71
CA LYS A 218 26.49 25.84 -20.42
C LYS A 218 25.80 24.96 -19.40
N VAL A 219 25.67 23.67 -19.73
CA VAL A 219 25.19 22.66 -18.79
C VAL A 219 26.17 21.50 -18.84
N ARG A 220 26.91 21.31 -17.74
CA ARG A 220 27.95 20.28 -17.67
C ARG A 220 29.00 20.50 -18.77
N ASP A 221 29.44 21.76 -18.90
CA ASP A 221 30.47 22.15 -19.85
C ASP A 221 30.07 21.80 -21.29
N GLN A 222 28.82 22.13 -21.63
CA GLN A 222 28.31 21.88 -22.97
C GLN A 222 27.33 22.97 -23.37
N GLU A 223 27.52 23.53 -24.56
CA GLU A 223 26.58 24.50 -25.12
C GLU A 223 25.58 23.86 -26.08
N GLY A 224 25.93 22.72 -26.69
CA GLY A 224 24.98 22.00 -27.50
C GLY A 224 24.07 21.12 -26.68
N ARG A 225 22.96 20.72 -27.29
CA ARG A 225 21.97 19.87 -26.63
C ARG A 225 21.79 18.58 -27.41
N ILE A 226 21.10 17.64 -26.79
CA ILE A 226 20.67 16.40 -27.44
C ILE A 226 19.25 16.14 -26.97
N ASN A 227 18.27 16.34 -27.85
CA ASN A 227 16.89 16.04 -27.51
C ASN A 227 16.65 14.54 -27.64
N TYR A 228 16.14 13.94 -26.58
CA TYR A 228 15.94 12.49 -26.52
C TYR A 228 14.49 12.15 -26.86
N TYR A 229 14.31 11.08 -27.62
CA TYR A 229 13.00 10.65 -28.08
C TYR A 229 12.91 9.13 -27.98
N TRP A 230 11.68 8.64 -27.86
CA TRP A 230 11.44 7.22 -27.70
C TRP A 230 10.10 6.87 -28.34
N THR A 231 9.88 5.56 -28.52
CA THR A 231 8.63 5.07 -29.07
C THR A 231 8.48 3.60 -28.74
N LEU A 232 7.24 3.15 -28.71
CA LEU A 232 6.91 1.74 -28.55
C LEU A 232 6.58 1.14 -29.92
N LEU A 233 7.16 -0.01 -30.20
CA LEU A 233 6.99 -0.70 -31.47
C LEU A 233 6.16 -1.96 -31.22
N GLU A 234 4.97 -2.00 -31.81
CA GLU A 234 4.09 -3.13 -31.63
C GLU A 234 4.71 -4.38 -32.26
N PRO A 235 4.33 -5.57 -31.81
CA PRO A 235 4.80 -6.80 -32.45
C PRO A 235 4.37 -6.87 -33.91
N GLY A 236 5.35 -6.93 -34.80
CA GLY A 236 5.11 -7.04 -36.22
C GLY A 236 5.34 -5.77 -37.01
N ASP A 237 5.49 -4.63 -36.34
CA ASP A 237 5.69 -3.37 -37.03
C ASP A 237 7.16 -3.14 -37.34
N THR A 238 7.42 -2.32 -38.36
CA THR A 238 8.76 -1.99 -38.80
C THR A 238 9.01 -0.51 -38.61
N ILE A 239 10.13 -0.17 -37.98
CA ILE A 239 10.51 1.22 -37.74
C ILE A 239 11.65 1.58 -38.69
N ILE A 240 11.57 2.77 -39.28
CA ILE A 240 12.50 3.21 -40.31
C ILE A 240 13.15 4.51 -39.85
N PHE A 241 14.48 4.51 -39.81
CA PHE A 241 15.31 5.68 -39.55
C PHE A 241 15.97 6.12 -40.86
N GLU A 242 15.78 7.38 -41.22
CA GLU A 242 16.50 7.98 -42.34
C GLU A 242 17.16 9.26 -41.86
N ALA A 243 18.47 9.38 -42.07
CA ALA A 243 19.19 10.53 -41.56
C ALA A 243 20.41 10.80 -42.42
N ASN A 244 20.83 12.07 -42.44
CA ASN A 244 22.08 12.49 -43.05
C ASN A 244 22.96 13.28 -42.10
N GLY A 245 22.66 13.24 -40.81
CA GLY A 245 23.43 13.95 -39.82
C GLY A 245 22.61 14.23 -38.58
N ASN A 246 23.33 14.47 -37.49
CA ASN A 246 22.74 14.89 -36.21
C ASN A 246 21.83 13.80 -35.62
N LEU A 247 22.07 12.54 -35.98
CA LEU A 247 21.31 11.43 -35.45
C LEU A 247 22.14 10.69 -34.41
N ILE A 248 21.65 10.67 -33.17
CA ILE A 248 22.20 9.81 -32.12
C ILE A 248 21.48 8.47 -32.27
N ALA A 249 22.11 7.56 -33.03
CA ALA A 249 21.44 6.33 -33.43
C ALA A 249 21.16 5.42 -32.25
N PRO A 250 20.13 4.59 -32.35
CA PRO A 250 19.89 3.59 -31.29
C PRO A 250 20.90 2.46 -31.37
N ARG A 251 21.33 1.99 -30.20
CA ARG A 251 22.22 0.84 -30.10
C ARG A 251 21.50 -0.38 -29.54
N TYR A 252 20.96 -0.27 -28.33
CA TYR A 252 20.22 -1.35 -27.69
C TYR A 252 18.74 -1.01 -27.57
N ALA A 253 17.89 -2.04 -27.59
CA ALA A 253 16.46 -1.90 -27.44
C ALA A 253 15.97 -2.86 -26.37
N PHE A 254 14.67 -2.76 -26.04
CA PHE A 254 14.08 -3.53 -24.96
C PHE A 254 12.76 -4.13 -25.40
N ALA A 255 12.65 -5.46 -25.26
CA ALA A 255 11.40 -6.17 -25.52
C ALA A 255 10.63 -6.28 -24.21
N LEU A 256 9.49 -5.60 -24.12
CA LEU A 256 8.79 -5.41 -22.86
C LEU A 256 7.82 -6.54 -22.57
N SER A 257 7.78 -6.95 -21.30
CA SER A 257 6.80 -7.91 -20.79
C SER A 257 5.98 -7.21 -19.72
N ARG A 258 4.68 -7.04 -19.98
CA ARG A 258 3.83 -6.30 -19.07
C ARG A 258 3.57 -7.09 -17.79
N GLY A 259 3.17 -6.39 -16.75
CA GLY A 259 2.87 -7.00 -15.47
C GLY A 259 2.25 -6.02 -14.50
N PHE A 260 1.26 -6.47 -13.74
CA PHE A 260 0.57 -5.63 -12.79
C PHE A 260 1.21 -5.74 -11.40
N GLY A 261 1.00 -4.70 -10.59
CA GLY A 261 1.51 -4.68 -9.24
C GLY A 261 2.85 -4.00 -9.06
N SER A 262 3.53 -3.66 -10.14
CA SER A 262 4.81 -2.98 -10.08
C SER A 262 4.60 -1.47 -10.15
N GLY A 263 5.68 -0.74 -9.87
CA GLY A 263 5.60 0.71 -9.89
C GLY A 263 6.95 1.31 -9.54
N ILE A 264 6.99 2.64 -9.63
CA ILE A 264 8.19 3.42 -9.34
C ILE A 264 7.94 4.21 -8.06
N ILE A 265 8.82 4.04 -7.07
CA ILE A 265 8.68 4.76 -5.81
C ILE A 265 9.98 5.48 -5.49
N ASN A 266 9.85 6.59 -4.77
CA ASN A 266 11.00 7.33 -4.25
C ASN A 266 11.19 6.98 -2.78
N SER A 267 12.37 6.47 -2.44
CA SER A 267 12.61 6.03 -1.07
C SER A 267 14.10 6.06 -0.78
N ASN A 268 14.43 6.39 0.47
CA ASN A 268 15.80 6.31 0.97
C ASN A 268 16.02 5.11 1.88
N ALA A 269 15.01 4.25 2.05
CA ALA A 269 15.16 3.07 2.89
C ALA A 269 16.14 2.09 2.24
N PRO A 270 16.94 1.39 3.03
CA PRO A 270 17.91 0.45 2.45
C PRO A 270 17.28 -0.88 2.10
N MET A 271 17.84 -1.51 1.07
CA MET A 271 17.45 -2.87 0.71
C MET A 271 17.94 -3.85 1.77
N ASP A 272 17.15 -4.90 1.99
CA ASP A 272 17.51 -5.93 2.95
C ASP A 272 16.98 -7.28 2.47
N GLU A 273 17.50 -8.34 3.08
CA GLU A 273 17.09 -9.71 2.74
C GLU A 273 15.80 -10.08 3.47
N CYS A 274 14.77 -9.27 3.23
CA CYS A 274 13.45 -9.48 3.80
C CYS A 274 12.44 -9.70 2.68
N ASP A 275 11.37 -10.41 3.02
CA ASP A 275 10.29 -10.68 2.09
C ASP A 275 8.97 -10.24 2.72
N ALA A 276 8.13 -9.59 1.93
CA ALA A 276 6.85 -9.11 2.42
C ALA A 276 5.85 -9.11 1.28
N LYS A 277 4.57 -8.99 1.65
CA LYS A 277 3.49 -8.87 0.70
C LYS A 277 3.08 -7.42 0.45
N CYS A 278 3.65 -6.47 1.19
CA CYS A 278 3.26 -5.08 1.13
C CYS A 278 4.50 -4.20 1.33
N GLN A 279 4.72 -3.28 0.40
CA GLN A 279 5.88 -2.41 0.43
C GLN A 279 5.45 -0.95 0.27
N THR A 280 5.99 -0.09 1.12
CA THR A 280 5.76 1.35 1.08
C THR A 280 7.11 2.07 1.06
N PRO A 281 7.14 3.32 0.60
CA PRO A 281 8.41 4.07 0.64
C PRO A 281 9.01 4.18 2.04
N GLN A 282 8.19 4.15 3.08
CA GLN A 282 8.72 4.15 4.43
C GLN A 282 9.31 2.80 4.81
N GLY A 283 8.76 1.73 4.27
CA GLY A 283 9.21 0.40 4.60
C GLY A 283 8.14 -0.62 4.29
N ALA A 284 8.49 -1.88 4.53
CA ALA A 284 7.57 -2.98 4.28
C ALA A 284 6.60 -3.14 5.44
N ILE A 285 5.38 -3.55 5.12
CA ILE A 285 4.32 -3.75 6.10
C ILE A 285 4.00 -5.23 6.16
N ASN A 286 4.01 -5.78 7.37
CA ASN A 286 3.68 -7.18 7.63
C ASN A 286 2.47 -7.16 8.59
N SER A 287 1.27 -7.20 8.02
CA SER A 287 0.07 -7.02 8.81
C SER A 287 -1.11 -7.66 8.08
N SER A 288 -2.14 -7.98 8.86
CA SER A 288 -3.42 -8.42 8.32
C SER A 288 -4.56 -7.48 8.72
N LEU A 289 -4.24 -6.28 9.20
CA LEU A 289 -5.22 -5.29 9.62
C LEU A 289 -5.79 -4.57 8.40
N PRO A 290 -7.03 -4.08 8.49
CA PRO A 290 -7.65 -3.44 7.31
C PRO A 290 -7.18 -2.03 7.05
N PHE A 291 -6.54 -1.36 8.01
CA PHE A 291 -6.14 0.04 7.84
C PHE A 291 -4.68 0.21 8.21
N GLN A 292 -4.07 1.25 7.66
CA GLN A 292 -2.69 1.61 7.96
C GLN A 292 -2.51 3.12 7.77
N ASN A 293 -1.68 3.73 8.61
CA ASN A 293 -1.34 5.14 8.49
C ASN A 293 0.14 5.34 8.19
N VAL A 294 0.79 4.32 7.61
CA VAL A 294 2.21 4.40 7.35
C VAL A 294 2.50 5.28 6.14
N HIS A 295 1.89 4.97 5.00
CA HIS A 295 2.12 5.72 3.77
C HIS A 295 1.05 5.42 2.74
N PRO A 296 0.62 6.42 1.96
CA PRO A 296 -0.40 6.16 0.93
C PRO A 296 0.13 5.43 -0.30
N VAL A 297 1.42 5.51 -0.59
CA VAL A 297 1.99 4.79 -1.72
C VAL A 297 2.25 3.36 -1.29
N THR A 298 1.61 2.41 -1.97
CA THR A 298 1.69 1.00 -1.62
C THR A 298 1.98 0.18 -2.85
N ILE A 299 2.61 -0.97 -2.63
CA ILE A 299 2.90 -1.94 -3.68
C ILE A 299 2.65 -3.33 -3.12
N GLY A 300 1.92 -4.15 -3.86
CA GLY A 300 1.56 -5.47 -3.40
C GLY A 300 0.15 -5.53 -2.83
N GLU A 301 -0.02 -6.28 -1.74
CA GLU A 301 -1.30 -6.42 -1.07
C GLU A 301 -1.18 -5.76 0.29
N CYS A 302 -1.72 -4.55 0.41
CA CYS A 302 -1.53 -3.70 1.56
C CYS A 302 -2.86 -3.36 2.23
N PRO A 303 -2.83 -2.91 3.47
CA PRO A 303 -4.03 -2.32 4.07
C PRO A 303 -4.35 -0.97 3.44
N LYS A 304 -5.59 -0.55 3.63
CA LYS A 304 -6.06 0.73 3.09
C LYS A 304 -5.54 1.88 3.93
N TYR A 305 -4.93 2.87 3.28
CA TYR A 305 -4.33 3.99 3.98
C TYR A 305 -5.39 4.95 4.51
N VAL A 306 -5.23 5.36 5.77
CA VAL A 306 -6.09 6.36 6.39
C VAL A 306 -5.20 7.34 7.16
N ARG A 307 -5.73 8.54 7.40
CA ARG A 307 -4.99 9.57 8.14
C ARG A 307 -5.18 9.46 9.65
N SER A 308 -5.79 8.40 10.12
CA SER A 308 -6.14 8.30 11.53
C SER A 308 -4.92 7.94 12.38
N ALA A 309 -4.95 8.39 13.63
CA ALA A 309 -3.93 8.06 14.62
C ALA A 309 -4.34 6.89 15.51
N LYS A 310 -5.62 6.53 15.54
CA LYS A 310 -6.11 5.49 16.43
C LYS A 310 -7.46 4.99 15.91
N LEU A 311 -7.56 3.67 15.71
CA LEU A 311 -8.80 3.01 15.26
C LEU A 311 -8.94 1.72 16.07
N ARG A 312 -9.39 1.86 17.31
CA ARG A 312 -9.55 0.74 18.23
C ARG A 312 -11.02 0.42 18.38
N MET A 313 -11.37 -0.85 18.15
CA MET A 313 -12.74 -1.33 18.19
C MET A 313 -12.94 -2.17 19.45
N VAL A 314 -13.96 -1.84 20.23
CA VAL A 314 -14.20 -2.54 21.49
C VAL A 314 -14.86 -3.89 21.20
N THR A 315 -14.35 -4.94 21.83
CA THR A 315 -14.96 -6.26 21.81
C THR A 315 -15.58 -6.64 23.15
N GLY A 316 -14.97 -6.22 24.25
CA GLY A 316 -15.45 -6.51 25.58
C GLY A 316 -16.47 -5.50 26.08
N LEU A 317 -16.44 -5.27 27.39
CA LEU A 317 -17.41 -4.44 28.07
C LEU A 317 -16.76 -3.16 28.57
N ARG A 318 -17.60 -2.25 29.07
CA ARG A 318 -17.08 -1.10 29.80
C ARG A 318 -16.47 -1.57 31.12
N ASN A 319 -15.17 -1.33 31.29
CA ASN A 319 -14.43 -1.85 32.43
C ASN A 319 -14.78 -1.04 33.66
N ILE A 320 -15.61 -1.62 34.53
CA ILE A 320 -16.04 -0.96 35.77
C ILE A 320 -15.64 -1.82 36.95
N PRO A 321 -14.37 -1.80 37.37
CA PRO A 321 -13.94 -2.68 38.47
C PRO A 321 -13.83 -1.96 39.81
N SER A 322 -13.89 -2.74 40.89
CA SER A 322 -13.73 -2.25 42.26
C SER A 322 -14.54 -0.98 42.54
N GLY B 1 -26.37 2.90 30.05
CA GLY B 1 -26.62 1.87 29.06
C GLY B 1 -28.04 1.91 28.54
N LEU B 2 -28.24 1.45 27.30
CA LEU B 2 -29.57 1.51 26.69
C LEU B 2 -30.56 0.62 27.43
N PHE B 3 -30.10 -0.50 27.96
CA PHE B 3 -30.97 -1.50 28.57
C PHE B 3 -30.87 -1.52 30.09
N GLY B 4 -30.24 -0.50 30.67
CA GLY B 4 -30.25 -0.28 32.12
C GLY B 4 -29.58 -1.35 32.95
N ALA B 5 -28.88 -2.31 32.36
CA ALA B 5 -28.23 -3.36 33.15
C ALA B 5 -26.81 -2.94 33.52
N ILE B 6 -25.91 -2.93 32.54
CA ILE B 6 -24.53 -2.52 32.79
C ILE B 6 -24.48 -1.05 33.15
N ALA B 7 -23.82 -0.73 34.26
CA ALA B 7 -23.81 0.61 34.84
C ALA B 7 -25.23 1.11 35.11
N GLY B 8 -26.16 0.17 35.34
CA GLY B 8 -27.53 0.48 35.67
C GLY B 8 -27.92 -0.07 37.02
N PHE B 9 -28.94 -0.94 37.06
CA PHE B 9 -29.31 -1.53 38.34
C PHE B 9 -28.25 -2.51 38.83
N ILE B 10 -27.38 -2.98 37.95
CA ILE B 10 -26.14 -3.66 38.34
C ILE B 10 -25.03 -2.62 38.24
N GLU B 11 -24.46 -2.25 39.39
CA GLU B 11 -23.64 -1.03 39.45
C GLU B 11 -22.22 -1.23 38.93
N GLY B 12 -21.61 -2.39 39.21
CA GLY B 12 -20.21 -2.59 38.89
C GLY B 12 -19.94 -3.96 38.30
N GLY B 13 -18.66 -4.19 38.01
CA GLY B 13 -18.22 -5.45 37.45
C GLY B 13 -17.43 -6.30 38.42
N TRP B 14 -17.26 -7.59 38.09
CA TRP B 14 -16.60 -8.55 38.96
C TRP B 14 -15.25 -8.91 38.37
N THR B 15 -14.17 -8.44 39.01
CA THR B 15 -12.84 -8.88 38.63
C THR B 15 -12.60 -10.35 38.95
N GLY B 16 -13.34 -10.91 39.90
CA GLY B 16 -13.16 -12.30 40.30
C GLY B 16 -13.63 -13.31 39.28
N MET B 17 -14.41 -12.89 38.29
CA MET B 17 -14.86 -13.76 37.22
C MET B 17 -13.93 -13.57 36.03
N VAL B 18 -13.15 -14.60 35.70
CA VAL B 18 -12.07 -14.50 34.73
C VAL B 18 -12.25 -15.45 33.55
N ASP B 19 -13.40 -16.10 33.43
CA ASP B 19 -13.62 -17.08 32.37
C ASP B 19 -14.74 -16.70 31.42
N GLY B 20 -15.25 -15.48 31.50
CA GLY B 20 -16.33 -15.08 30.60
C GLY B 20 -16.73 -13.65 30.85
N TRP B 21 -17.71 -13.22 30.06
CA TRP B 21 -18.21 -11.84 30.11
C TRP B 21 -19.40 -11.71 31.07
N TYR B 22 -20.46 -12.48 30.82
CA TYR B 22 -21.66 -12.47 31.64
C TYR B 22 -21.71 -13.76 32.44
N GLY B 23 -21.97 -13.66 33.74
CA GLY B 23 -21.94 -14.82 34.59
C GLY B 23 -22.75 -14.68 35.85
N TYR B 24 -22.50 -15.59 36.78
CA TYR B 24 -23.25 -15.76 38.02
C TYR B 24 -22.34 -15.61 39.23
N HIS B 25 -22.95 -15.70 40.41
CA HIS B 25 -22.19 -15.72 41.67
C HIS B 25 -23.12 -16.33 42.72
N HIS B 26 -22.84 -17.58 43.09
CA HIS B 26 -23.70 -18.32 44.00
C HIS B 26 -23.04 -18.47 45.36
N GLN B 27 -23.88 -18.43 46.41
CA GLN B 27 -23.41 -18.60 47.78
C GLN B 27 -24.46 -19.41 48.53
N ASN B 28 -24.18 -20.69 48.76
CA ASN B 28 -25.07 -21.57 49.51
C ASN B 28 -24.28 -22.20 50.66
N GLU B 29 -24.92 -23.18 51.31
CA GLU B 29 -24.29 -23.85 52.44
C GLU B 29 -22.98 -24.51 52.03
N GLN B 30 -22.90 -25.00 50.80
CA GLN B 30 -21.69 -25.66 50.33
C GLN B 30 -20.57 -24.67 49.98
N GLY B 31 -20.87 -23.37 49.96
CA GLY B 31 -19.87 -22.38 49.65
C GLY B 31 -20.36 -21.43 48.56
N SER B 32 -19.46 -20.55 48.16
CA SER B 32 -19.75 -19.54 47.15
C SER B 32 -18.78 -19.69 45.98
N GLY B 33 -18.99 -18.88 44.96
CA GLY B 33 -18.13 -18.90 43.80
C GLY B 33 -18.73 -18.18 42.61
N TYR B 34 -17.84 -17.79 41.71
CA TYR B 34 -18.19 -17.21 40.42
C TYR B 34 -18.16 -18.27 39.33
N ALA B 35 -18.99 -18.10 38.32
CA ALA B 35 -18.99 -18.99 37.17
C ALA B 35 -19.67 -18.30 36.00
N ALA B 36 -18.99 -18.26 34.86
CA ALA B 36 -19.51 -17.55 33.70
C ALA B 36 -20.52 -18.40 32.94
N ASP B 37 -21.64 -17.80 32.57
CA ASP B 37 -22.61 -18.46 31.71
C ASP B 37 -22.03 -18.59 30.31
N GLN B 38 -21.88 -19.84 29.85
CA GLN B 38 -21.15 -20.09 28.61
C GLN B 38 -22.01 -19.88 27.37
N LYS B 39 -23.33 -20.04 27.47
CA LYS B 39 -24.19 -19.88 26.31
C LYS B 39 -24.25 -18.42 25.87
N SER B 40 -24.58 -17.52 26.81
CA SER B 40 -24.69 -16.10 26.47
C SER B 40 -23.34 -15.53 26.06
N THR B 41 -22.30 -15.82 26.84
CA THR B 41 -20.95 -15.37 26.50
C THR B 41 -20.54 -15.87 25.11
N GLN B 42 -20.82 -17.14 24.81
CA GLN B 42 -20.45 -17.66 23.51
C GLN B 42 -21.24 -17.00 22.38
N ASN B 43 -22.52 -16.71 22.61
CA ASN B 43 -23.30 -15.98 21.61
C ASN B 43 -22.70 -14.61 21.35
N ALA B 44 -22.30 -13.90 22.41
CA ALA B 44 -21.68 -12.60 22.22
C ALA B 44 -20.37 -12.71 21.46
N ILE B 45 -19.57 -13.74 21.76
CA ILE B 45 -18.31 -13.94 21.05
C ILE B 45 -18.56 -14.20 19.57
N ASN B 46 -19.57 -15.01 19.25
CA ASN B 46 -19.89 -15.28 17.85
C ASN B 46 -20.33 -14.01 17.13
N GLY B 47 -21.23 -13.24 17.76
CA GLY B 47 -21.75 -12.05 17.10
C GLY B 47 -20.67 -10.99 16.88
N ILE B 48 -19.84 -10.77 17.89
CA ILE B 48 -18.80 -9.76 17.76
C ILE B 48 -17.71 -10.23 16.80
N THR B 49 -17.39 -11.52 16.83
CA THR B 49 -16.44 -12.07 15.86
C THR B 49 -16.94 -11.84 14.44
N ASN B 50 -18.23 -12.11 14.20
CA ASN B 50 -18.80 -11.88 12.88
C ASN B 50 -18.84 -10.40 12.52
N LYS B 51 -19.00 -9.53 13.53
CA LYS B 51 -19.00 -8.09 13.26
C LYS B 51 -17.63 -7.61 12.80
N VAL B 52 -16.59 -7.90 13.59
CA VAL B 52 -15.23 -7.51 13.19
C VAL B 52 -14.88 -8.14 11.85
N ASN B 53 -15.25 -9.41 11.66
CA ASN B 53 -14.99 -10.08 10.39
C ASN B 53 -15.66 -9.34 9.24
N SER B 54 -16.91 -8.90 9.43
CA SER B 54 -17.60 -8.17 8.39
C SER B 54 -16.91 -6.85 8.09
N VAL B 55 -16.42 -6.16 9.13
CA VAL B 55 -15.72 -4.90 8.93
C VAL B 55 -14.46 -5.12 8.10
N ILE B 56 -13.69 -6.16 8.43
CA ILE B 56 -12.48 -6.43 7.68
C ILE B 56 -12.80 -6.88 6.25
N GLU B 57 -13.87 -7.65 6.08
CA GLU B 57 -14.22 -8.16 4.76
C GLU B 57 -14.69 -7.06 3.83
N LYS B 58 -15.39 -6.06 4.36
CA LYS B 58 -15.80 -4.95 3.52
C LYS B 58 -14.65 -4.03 3.15
N MET B 59 -13.48 -4.21 3.75
CA MET B 59 -12.28 -3.44 3.39
C MET B 59 -11.43 -4.33 2.50
N ASN B 60 -11.65 -4.23 1.19
CA ASN B 60 -10.93 -5.06 0.24
C ASN B 60 -9.46 -4.65 0.17
N THR B 61 -8.63 -5.60 -0.26
CA THR B 61 -7.19 -5.39 -0.28
C THR B 61 -6.82 -4.23 -1.21
N GLN B 62 -6.05 -3.29 -0.68
CA GLN B 62 -5.51 -2.20 -1.49
C GLN B 62 -4.30 -2.69 -2.26
N PHE B 63 -4.39 -2.69 -3.58
CA PHE B 63 -3.29 -3.15 -4.42
C PHE B 63 -2.41 -1.96 -4.82
N THR B 64 -1.50 -2.19 -5.76
CA THR B 64 -0.45 -1.22 -6.05
C THR B 64 -1.04 0.09 -6.56
N ALA B 65 -0.62 1.18 -5.92
CA ALA B 65 -1.04 2.53 -6.32
C ALA B 65 0.07 3.49 -5.92
N VAL B 66 0.84 3.95 -6.90
CA VAL B 66 1.97 4.83 -6.65
C VAL B 66 1.66 6.20 -7.23
N GLY B 67 2.51 7.17 -6.88
CA GLY B 67 2.37 8.51 -7.39
C GLY B 67 2.71 8.60 -8.87
N LYS B 68 2.54 9.80 -9.40
CA LYS B 68 2.81 10.07 -10.80
C LYS B 68 3.63 11.35 -10.94
N GLU B 69 4.39 11.42 -12.03
CA GLU B 69 5.21 12.58 -12.33
C GLU B 69 4.53 13.45 -13.39
N PHE B 70 4.80 14.75 -13.32
CA PHE B 70 4.23 15.72 -14.23
C PHE B 70 5.28 16.79 -14.52
N ASN B 71 5.39 17.19 -15.78
CA ASN B 71 6.37 18.20 -16.13
C ASN B 71 5.85 19.60 -15.79
N LYS B 72 6.66 20.61 -16.11
CA LYS B 72 6.37 21.97 -15.67
C LYS B 72 5.12 22.56 -16.30
N LEU B 73 4.64 21.99 -17.41
CA LEU B 73 3.45 22.47 -18.08
C LEU B 73 2.22 21.60 -17.81
N GLU B 74 2.24 20.82 -16.74
CA GLU B 74 1.13 19.94 -16.38
C GLU B 74 0.73 20.15 -14.93
N ARG B 75 0.61 21.41 -14.50
CA ARG B 75 0.27 21.71 -13.11
C ARG B 75 -1.19 21.43 -12.83
N ARG B 76 -2.07 21.69 -13.80
CA ARG B 76 -3.48 21.38 -13.62
C ARG B 76 -3.72 19.89 -13.45
N MET B 77 -3.04 19.07 -14.27
CA MET B 77 -3.22 17.63 -14.16
C MET B 77 -2.59 17.08 -12.89
N GLU B 78 -1.45 17.64 -12.49
CA GLU B 78 -0.85 17.27 -11.22
C GLU B 78 -1.79 17.58 -10.06
N ASN B 79 -2.41 18.77 -10.08
CA ASN B 79 -3.32 19.14 -9.01
C ASN B 79 -4.60 18.33 -9.06
N LEU B 80 -5.01 17.86 -10.24
CA LEU B 80 -6.17 16.99 -10.34
C LEU B 80 -5.86 15.61 -9.75
N ASN B 81 -4.69 15.06 -10.09
CA ASN B 81 -4.26 13.80 -9.48
C ASN B 81 -4.20 13.92 -7.96
N LYS B 82 -3.68 14.99 -7.43
CA LYS B 82 -3.64 15.19 -6.01
C LYS B 82 -5.03 15.31 -5.38
N LYS B 83 -5.93 15.96 -6.05
CA LYS B 83 -7.29 16.13 -5.63
C LYS B 83 -7.97 14.80 -5.56
N VAL B 84 -7.71 13.95 -6.52
CA VAL B 84 -8.32 12.61 -6.49
C VAL B 84 -7.77 11.81 -5.31
N ASP B 85 -6.44 11.73 -5.20
CA ASP B 85 -5.84 10.95 -4.12
C ASP B 85 -6.29 11.45 -2.75
N ASP B 86 -6.18 12.77 -2.53
CA ASP B 86 -6.57 13.34 -1.24
C ASP B 86 -8.05 13.12 -0.96
N GLY B 87 -8.89 13.25 -1.99
CA GLY B 87 -10.32 13.05 -1.78
C GLY B 87 -10.65 11.64 -1.34
N PHE B 88 -10.12 10.65 -2.04
CA PHE B 88 -10.37 9.26 -1.66
C PHE B 88 -9.84 8.97 -0.26
N ILE B 89 -8.66 9.49 0.07
CA ILE B 89 -8.11 9.29 1.41
C ILE B 89 -9.04 9.89 2.47
N ASP B 90 -9.54 11.10 2.22
CA ASP B 90 -10.45 11.73 3.17
C ASP B 90 -11.71 10.92 3.37
N ILE B 91 -12.29 10.42 2.28
CA ILE B 91 -13.52 9.64 2.39
C ILE B 91 -13.27 8.35 3.17
N TRP B 92 -12.18 7.66 2.89
CA TRP B 92 -11.92 6.40 3.59
C TRP B 92 -11.60 6.64 5.07
N THR B 93 -10.91 7.74 5.38
CA THR B 93 -10.66 8.10 6.78
C THR B 93 -11.98 8.34 7.51
N TYR B 94 -12.84 9.18 6.93
CA TYR B 94 -14.16 9.44 7.50
C TYR B 94 -14.94 8.15 7.74
N ASN B 95 -14.98 7.27 6.73
CA ASN B 95 -15.69 6.00 6.84
C ASN B 95 -15.17 5.16 8.00
N ALA B 96 -13.85 5.00 8.08
CA ALA B 96 -13.26 4.16 9.13
C ALA B 96 -13.57 4.72 10.51
N GLU B 97 -13.28 6.00 10.74
CA GLU B 97 -13.45 6.58 12.07
C GLU B 97 -14.92 6.57 12.49
N LEU B 98 -15.81 6.97 11.59
CA LEU B 98 -17.23 7.01 11.94
C LEU B 98 -17.77 5.61 12.21
N LEU B 99 -17.42 4.64 11.36
CA LEU B 99 -17.83 3.26 11.57
C LEU B 99 -17.39 2.75 12.93
N VAL B 100 -16.12 3.02 13.30
CA VAL B 100 -15.62 2.53 14.58
C VAL B 100 -16.37 3.18 15.74
N LEU B 101 -16.61 4.50 15.67
CA LEU B 101 -17.41 5.17 16.70
C LEU B 101 -18.75 4.49 16.89
N LEU B 102 -19.56 4.49 15.83
CA LEU B 102 -20.95 4.04 15.94
C LEU B 102 -21.02 2.57 16.37
N GLU B 103 -20.21 1.71 15.75
CA GLU B 103 -20.29 0.30 16.09
C GLU B 103 -19.66 -0.01 17.46
N ASN B 104 -18.78 0.86 17.96
CA ASN B 104 -18.37 0.74 19.36
C ASN B 104 -19.56 0.96 20.28
N GLU B 105 -20.30 2.06 20.05
CA GLU B 105 -21.50 2.29 20.85
C GLU B 105 -22.45 1.11 20.78
N ARG B 106 -22.72 0.61 19.57
CA ARG B 106 -23.65 -0.50 19.43
C ARG B 106 -23.13 -1.78 20.04
N THR B 107 -21.81 -1.93 20.15
CA THR B 107 -21.26 -3.11 20.81
C THR B 107 -21.51 -3.06 22.31
N LEU B 108 -21.22 -1.91 22.93
CA LEU B 108 -21.51 -1.78 24.36
C LEU B 108 -23.01 -1.95 24.63
N ASP B 109 -23.85 -1.37 23.77
CA ASP B 109 -25.29 -1.59 23.91
C ASP B 109 -25.64 -3.07 23.77
N PHE B 110 -24.94 -3.78 22.90
CA PHE B 110 -25.18 -5.20 22.73
C PHE B 110 -24.89 -5.97 24.01
N HIS B 111 -23.76 -5.66 24.66
CA HIS B 111 -23.46 -6.32 25.94
C HIS B 111 -24.52 -6.00 26.98
N ASP B 112 -24.90 -4.72 27.07
CA ASP B 112 -25.96 -4.33 28.01
C ASP B 112 -27.22 -5.14 27.79
N SER B 113 -27.60 -5.33 26.52
CA SER B 113 -28.78 -6.13 26.21
C SER B 113 -28.60 -7.58 26.64
N ASN B 114 -27.40 -8.13 26.44
CA ASN B 114 -27.17 -9.51 26.84
C ASN B 114 -27.32 -9.70 28.34
N VAL B 115 -26.79 -8.75 29.12
CA VAL B 115 -26.92 -8.84 30.58
C VAL B 115 -28.38 -8.71 31.00
N LYS B 116 -29.07 -7.69 30.47
CA LYS B 116 -30.49 -7.53 30.79
C LYS B 116 -31.28 -8.79 30.47
N ASN B 117 -31.03 -9.39 29.31
CA ASN B 117 -31.78 -10.58 28.91
C ASN B 117 -31.46 -11.76 29.80
N LEU B 118 -30.20 -11.91 30.22
CA LEU B 118 -29.84 -13.00 31.11
C LEU B 118 -30.56 -12.85 32.45
N TYR B 119 -30.52 -11.63 33.02
CA TYR B 119 -31.23 -11.36 34.26
C TYR B 119 -32.71 -11.69 34.13
N GLU B 120 -33.33 -11.27 33.02
CA GLU B 120 -34.74 -11.56 32.82
C GLU B 120 -35.00 -13.06 32.68
N LYS B 121 -34.04 -13.80 32.11
CA LYS B 121 -34.17 -15.25 32.04
C LYS B 121 -34.20 -15.87 33.43
N VAL B 122 -33.20 -15.54 34.25
CA VAL B 122 -33.13 -16.12 35.60
C VAL B 122 -34.37 -15.73 36.41
N LYS B 123 -34.79 -14.46 36.30
CA LYS B 123 -36.00 -14.02 36.98
C LYS B 123 -37.21 -14.83 36.53
N SER B 124 -37.39 -15.00 35.22
CA SER B 124 -38.49 -15.79 34.69
C SER B 124 -38.40 -17.25 35.13
N GLN B 125 -37.21 -17.72 35.50
CA GLN B 125 -37.10 -19.08 36.03
C GLN B 125 -37.52 -19.14 37.49
N LEU B 126 -37.02 -18.21 38.30
CA LEU B 126 -37.23 -18.30 39.75
C LEU B 126 -38.67 -17.96 40.13
N LYS B 127 -39.25 -16.96 39.48
CA LYS B 127 -40.62 -16.50 39.79
C LYS B 127 -40.63 -16.05 41.25
N ASN B 128 -41.63 -16.41 42.04
CA ASN B 128 -41.77 -15.93 43.41
C ASN B 128 -41.12 -16.84 44.44
N ASN B 129 -40.25 -17.76 44.00
CA ASN B 129 -39.48 -18.59 44.93
C ASN B 129 -38.24 -17.86 45.44
N ALA B 130 -38.06 -16.59 45.11
CA ALA B 130 -36.94 -15.79 45.57
C ALA B 130 -37.32 -14.32 45.38
N LYS B 131 -36.75 -13.47 46.22
CA LYS B 131 -37.06 -12.04 46.15
C LYS B 131 -35.94 -11.30 45.45
N GLU B 132 -36.31 -10.19 44.80
CA GLU B 132 -35.38 -9.41 43.99
C GLU B 132 -34.74 -8.32 44.85
N ILE B 133 -33.66 -8.69 45.54
CA ILE B 133 -32.82 -7.67 46.15
C ILE B 133 -32.15 -6.88 45.02
N GLY B 134 -31.70 -5.67 45.36
CA GLY B 134 -31.08 -4.80 44.39
C GLY B 134 -29.80 -5.36 43.79
N ASN B 135 -29.20 -4.61 42.87
CA ASN B 135 -27.92 -4.95 42.25
C ASN B 135 -28.00 -6.23 41.41
N GLY B 136 -29.20 -6.65 41.04
CA GLY B 136 -29.35 -7.80 40.16
C GLY B 136 -29.14 -9.15 40.81
N CYS B 137 -29.38 -9.25 42.11
CA CYS B 137 -29.26 -10.52 42.83
C CYS B 137 -30.64 -11.03 43.23
N PHE B 138 -30.71 -12.33 43.51
CA PHE B 138 -31.92 -12.97 43.98
C PHE B 138 -31.65 -13.63 45.32
N GLU B 139 -32.49 -13.34 46.31
CA GLU B 139 -32.41 -13.97 47.61
C GLU B 139 -33.40 -15.11 47.67
N PHE B 140 -32.88 -16.34 47.79
CA PHE B 140 -33.73 -17.52 47.74
C PHE B 140 -34.61 -17.63 48.98
N TYR B 141 -35.85 -18.05 48.76
CA TYR B 141 -36.79 -18.35 49.84
C TYR B 141 -36.75 -19.80 50.26
N HIS B 142 -35.80 -20.58 49.74
CA HIS B 142 -35.72 -22.01 50.03
C HIS B 142 -34.26 -22.45 49.97
N LYS B 143 -34.03 -23.73 50.22
CA LYS B 143 -32.69 -24.29 50.15
C LYS B 143 -32.30 -24.58 48.71
N CYS B 144 -31.05 -24.30 48.38
CA CYS B 144 -30.55 -24.45 47.02
C CYS B 144 -29.09 -24.90 47.10
N ASN B 145 -28.87 -26.21 46.99
CA ASN B 145 -27.51 -26.76 47.01
C ASN B 145 -26.88 -26.55 45.63
N ASP B 146 -25.70 -27.15 45.42
CA ASP B 146 -25.02 -27.01 44.13
C ASP B 146 -25.85 -27.60 43.01
N GLU B 147 -26.62 -28.65 43.28
CA GLU B 147 -27.53 -29.21 42.29
C GLU B 147 -28.54 -28.16 41.83
N CYS B 148 -29.15 -27.45 42.78
CA CYS B 148 -30.15 -26.44 42.44
C CYS B 148 -29.51 -25.23 41.77
N MET B 149 -28.35 -24.80 42.27
CA MET B 149 -27.64 -23.68 41.64
C MET B 149 -27.33 -23.99 40.18
N GLU B 150 -26.70 -25.15 39.93
CA GLU B 150 -26.43 -25.55 38.56
C GLU B 150 -27.72 -25.78 37.76
N SER B 151 -28.84 -26.06 38.44
CA SER B 151 -30.12 -26.11 37.73
C SER B 151 -30.55 -24.72 37.28
N VAL B 152 -30.25 -23.69 38.08
CA VAL B 152 -30.58 -22.33 37.67
C VAL B 152 -29.66 -21.86 36.56
N LYS B 153 -28.38 -22.25 36.62
CA LYS B 153 -27.41 -21.78 35.63
C LYS B 153 -27.76 -22.25 34.23
N ASN B 154 -27.93 -23.55 34.05
CA ASN B 154 -28.22 -24.10 32.72
C ASN B 154 -29.69 -23.95 32.31
N GLY B 155 -30.47 -23.16 33.05
CA GLY B 155 -31.84 -22.89 32.67
C GLY B 155 -32.76 -24.09 32.77
N THR B 156 -32.70 -24.82 33.89
CA THR B 156 -33.55 -25.98 34.11
C THR B 156 -34.08 -25.97 35.54
N TYR B 157 -34.46 -24.80 36.04
CA TYR B 157 -34.96 -24.70 37.41
C TYR B 157 -36.38 -25.25 37.51
N ASP B 158 -36.66 -25.90 38.64
CA ASP B 158 -37.95 -26.52 38.88
C ASP B 158 -38.73 -25.64 39.86
N TYR B 159 -39.81 -25.02 39.38
CA TYR B 159 -40.59 -24.11 40.19
C TYR B 159 -41.48 -24.83 41.19
N PRO B 160 -42.31 -25.82 40.79
CA PRO B 160 -43.17 -26.48 41.78
C PRO B 160 -42.40 -27.28 42.82
N LYS B 161 -41.17 -27.68 42.54
CA LYS B 161 -40.40 -28.47 43.49
C LYS B 161 -40.03 -27.70 44.75
N TYR B 162 -40.26 -26.38 44.78
CA TYR B 162 -39.97 -25.59 45.98
C TYR B 162 -41.08 -24.61 46.31
N SER B 163 -42.26 -24.73 45.70
CA SER B 163 -43.33 -23.77 45.95
C SER B 163 -43.85 -23.88 47.38
N GLU B 164 -43.95 -25.11 47.90
CA GLU B 164 -44.38 -25.28 49.28
C GLU B 164 -43.38 -24.63 50.25
N GLU B 165 -42.10 -24.94 50.08
CA GLU B 165 -41.07 -24.41 50.95
C GLU B 165 -41.04 -22.88 50.90
N SER B 166 -41.07 -22.32 49.70
CA SER B 166 -41.01 -20.86 49.55
C SER B 166 -42.26 -20.19 50.10
N LYS B 167 -43.43 -20.80 49.88
CA LYS B 167 -44.66 -20.23 50.42
C LYS B 167 -44.68 -20.30 51.94
N LEU B 168 -44.05 -21.31 52.53
CA LEU B 168 -43.94 -21.36 53.99
C LEU B 168 -42.97 -20.29 54.50
N ASN B 169 -41.82 -20.16 53.85
CA ASN B 169 -40.81 -19.22 54.33
C ASN B 169 -41.25 -17.77 54.12
N ARG B 170 -42.09 -17.51 53.11
CA ARG B 170 -42.57 -16.16 52.91
C ARG B 170 -43.52 -15.72 54.01
N GLU B 171 -43.95 -16.64 54.88
CA GLU B 171 -44.81 -16.37 56.01
C GLU B 171 -45.99 -15.45 55.65
#